data_3T1F
#
_entry.id   3T1F
#
_cell.length_a   42.191
_cell.length_b   107.381
_cell.length_c   110.305
_cell.angle_alpha   90.00
_cell.angle_beta   90.00
_cell.angle_gamma   90.00
#
_symmetry.space_group_name_H-M   'P 21 21 21'
#
loop_
_entity.id
_entity.type
_entity.pdbx_description
1 polymer 'Antigen-presenting glycoprotein CD1d1'
2 polymer Beta-2-microglobulin
3 branched 2-acetamido-2-deoxy-beta-D-glucopyranose-(1-4)-2-acetamido-2-deoxy-beta-D-glucopyranose
4 non-polymer 2-acetamido-2-deoxy-beta-D-glucopyranose
5 non-polymer '(2S)-1-(alpha-D-glucopyranosyloxy)-3-(hexadecanoyloxy)propan-2-yl (11Z)-octadec-11-enoate'
6 non-polymer GLYCEROL
7 water water
#
loop_
_entity_poly.entity_id
_entity_poly.type
_entity_poly.pdbx_seq_one_letter_code
_entity_poly.pdbx_strand_id
1 'polypeptide(L)'
;SEAQQKNYTFRCLQMSSFANRSWSRTDSVVWLGDLQTHRWSNDSATISFTKPWSQGKLSNQQWEKLQHMFQVYRVSFTRD
IQELVKMMSPKEDYPIEIQLSAGCEMYPGNASESFLHVAFQGKYVVRFWGTSWQTVPGAPSWLDLPIKVLNADQGTSATV
QMLLNDTCPLFVRGLLEAGKSDLEKQEKPVAWLSSVPSSAHGHRQLVCHVSGFYPKPVWVMWMRGDQEQQGTHRGDFLPN
ADETWYLQATLDVEAGEEAGLACRVKHSSLGGQDIILYWHHHHHH
;
A
2 'polypeptide(L)'
;IQKTPQIQVYSRHPPENGKPNILNCYVTQFHPPHIEIQMLKNGKKIPKVEMSDMSFSKDWSFYILAHTEFTPTETDTYAC
RVKHASMAEPKTVYWDRDM
;
B
#
loop_
_chem_comp.id
_chem_comp.type
_chem_comp.name
_chem_comp.formula
3TF non-polymer '(2S)-1-(alpha-D-glucopyranosyloxy)-3-(hexadecanoyloxy)propan-2-yl (11Z)-octadec-11-enoate' 'C43 H80 O10'
GOL non-polymer GLYCEROL 'C3 H8 O3'
NAG D-saccharide, beta linking 2-acetamido-2-deoxy-beta-D-glucopyranose 'C8 H15 N O6'
#
# COMPACT_ATOMS: atom_id res chain seq x y z
N ASN A 7 6.18 -20.13 -2.51
CA ASN A 7 6.75 -18.81 -2.90
C ASN A 7 5.89 -17.60 -2.46
N TYR A 8 6.53 -16.63 -1.79
CA TYR A 8 5.94 -15.32 -1.42
C TYR A 8 7.07 -14.27 -1.35
N THR A 9 6.70 -13.01 -1.07
CA THR A 9 7.64 -11.89 -0.89
C THR A 9 7.35 -11.26 0.46
N PHE A 10 8.41 -11.01 1.22
CA PHE A 10 8.31 -10.47 2.55
C PHE A 10 9.01 -9.14 2.52
N ARG A 11 8.32 -8.09 2.96
CA ARG A 11 8.88 -6.73 2.87
C ARG A 11 8.77 -5.98 4.18
N CYS A 12 9.90 -5.46 4.66
N CYS A 12 9.91 -5.52 4.69
CA CYS A 12 9.96 -4.58 5.83
CA CYS A 12 9.93 -4.58 5.80
C CYS A 12 10.25 -3.18 5.29
C CYS A 12 10.19 -3.20 5.19
N LEU A 13 9.28 -2.27 5.47
CA LEU A 13 9.30 -0.96 4.84
C LEU A 13 9.40 0.12 5.91
N GLN A 14 10.54 0.81 5.94
CA GLN A 14 10.82 1.84 6.93
C GLN A 14 10.73 3.18 6.27
N MET A 15 10.00 4.12 6.89
N MET A 15 10.04 4.12 6.90
CA MET A 15 10.00 5.48 6.40
CA MET A 15 10.04 5.47 6.39
C MET A 15 10.41 6.45 7.51
C MET A 15 10.41 6.46 7.49
N SER A 16 11.46 7.23 7.25
CA SER A 16 12.00 8.17 8.25
C SER A 16 11.97 9.58 7.68
N SER A 17 11.46 10.52 8.45
CA SER A 17 11.36 11.90 8.03
C SER A 17 12.14 12.73 9.02
N PHE A 18 13.00 13.60 8.52
CA PHE A 18 13.75 14.52 9.36
C PHE A 18 13.36 15.93 8.92
N ALA A 19 12.78 16.73 9.82
CA ALA A 19 12.32 18.08 9.45
C ALA A 19 13.37 19.14 9.79
N ASN A 20 14.11 18.88 10.87
CA ASN A 20 15.19 19.75 11.34
C ASN A 20 15.99 19.00 12.38
N ARG A 21 16.89 19.70 13.08
CA ARG A 21 17.74 19.07 14.08
C ARG A 21 16.90 18.52 15.24
N SER A 22 15.72 19.09 15.43
CA SER A 22 14.91 18.80 16.61
C SER A 22 13.63 17.97 16.37
N TRP A 23 13.37 17.59 15.12
CA TRP A 23 12.16 16.83 14.82
C TRP A 23 12.47 15.74 13.80
N SER A 24 12.22 14.50 14.17
CA SER A 24 12.28 13.40 13.21
C SER A 24 11.32 12.31 13.65
N ARG A 25 10.90 11.47 12.71
CA ARG A 25 10.18 10.24 13.06
C ARG A 25 10.47 9.09 12.12
N THR A 26 10.34 7.89 12.65
CA THR A 26 10.57 6.69 11.91
C THR A 26 9.40 5.75 12.16
N ASP A 27 8.77 5.28 11.08
CA ASP A 27 7.65 4.37 11.16
C ASP A 27 7.87 3.25 10.15
N SER A 28 7.49 2.03 10.53
CA SER A 28 7.66 0.89 9.67
C SER A 28 6.39 0.08 9.56
N VAL A 29 6.26 -0.60 8.44
N VAL A 29 6.24 -0.59 8.43
CA VAL A 29 5.24 -1.60 8.29
CA VAL A 29 5.12 -1.52 8.15
C VAL A 29 5.90 -2.81 7.68
C VAL A 29 5.71 -2.77 7.48
N VAL A 30 5.30 -3.97 7.92
CA VAL A 30 5.85 -5.22 7.41
C VAL A 30 4.72 -5.97 6.70
N TRP A 31 5.03 -6.53 5.51
CA TRP A 31 4.07 -7.19 4.64
C TRP A 31 4.56 -8.58 4.31
N LEU A 32 3.65 -9.54 4.32
CA LEU A 32 3.93 -10.83 3.74
C LEU A 32 2.95 -10.98 2.58
N GLY A 33 3.47 -11.03 1.35
CA GLY A 33 2.56 -10.89 0.20
C GLY A 33 1.82 -9.57 0.31
N ASP A 34 0.49 -9.59 0.20
CA ASP A 34 -0.27 -8.34 0.37
C ASP A 34 -0.88 -8.16 1.76
N LEU A 35 -0.51 -8.99 2.74
CA LEU A 35 -1.12 -8.90 4.08
C LEU A 35 -0.15 -8.26 5.02
N GLN A 36 -0.65 -7.27 5.75
CA GLN A 36 0.19 -6.58 6.73
C GLN A 36 0.39 -7.49 7.97
N THR A 37 1.64 -7.65 8.40
CA THR A 37 1.92 -8.53 9.54
C THR A 37 2.38 -7.74 10.76
N HIS A 38 2.97 -6.58 10.52
CA HIS A 38 3.47 -5.78 11.67
C HIS A 38 3.34 -4.29 11.35
N ARG A 39 3.32 -3.48 12.41
CA ARG A 39 3.43 -2.04 12.34
C ARG A 39 4.42 -1.67 13.43
N TRP A 40 5.26 -0.67 13.17
CA TRP A 40 6.08 -0.13 14.25
C TRP A 40 6.09 1.37 14.18
N SER A 41 5.20 1.94 14.99
N SER A 41 5.18 1.96 14.97
CA SER A 41 5.00 3.38 15.07
CA SER A 41 4.99 3.40 14.96
C SER A 41 6.18 4.01 15.76
C SER A 41 6.11 4.04 15.77
N ASN A 42 6.53 5.23 15.35
CA ASN A 42 7.51 6.03 16.09
C ASN A 42 7.15 6.18 17.59
N ASP A 43 5.85 6.28 17.90
CA ASP A 43 5.35 6.43 19.28
C ASP A 43 5.51 5.19 20.19
N SER A 44 5.72 4.02 19.59
CA SER A 44 5.77 2.74 20.30
C SER A 44 7.20 2.27 20.52
N ALA A 45 7.52 1.90 21.76
CA ALA A 45 8.80 1.26 22.05
C ALA A 45 8.95 -0.13 21.39
N THR A 46 7.83 -0.81 21.17
CA THR A 46 7.83 -2.18 20.65
C THR A 46 7.10 -2.35 19.30
N ILE A 47 7.50 -3.37 18.54
CA ILE A 47 6.87 -3.74 17.27
C ILE A 47 5.51 -4.37 17.55
N SER A 48 4.49 -3.93 16.80
CA SER A 48 3.11 -4.37 17.02
C SER A 48 2.78 -5.45 16.02
N PHE A 49 2.15 -6.53 16.47
CA PHE A 49 1.63 -7.56 15.56
C PHE A 49 0.27 -7.12 15.02
N THR A 50 0.07 -7.27 13.71
CA THR A 50 -1.24 -7.01 13.10
C THR A 50 -1.93 -8.29 12.63
N LYS A 51 -1.36 -9.44 13.03
CA LYS A 51 -2.01 -10.75 12.86
C LYS A 51 -1.78 -11.59 14.12
N PRO A 52 -2.67 -12.55 14.39
CA PRO A 52 -2.46 -13.46 15.52
C PRO A 52 -1.11 -14.19 15.42
N TRP A 53 -0.65 -14.37 14.18
CA TRP A 53 0.48 -15.23 13.82
C TRP A 53 1.76 -14.47 13.47
N SER A 54 1.80 -13.19 13.79
CA SER A 54 2.92 -12.31 13.43
C SER A 54 4.27 -12.63 14.09
N GLN A 55 4.29 -13.44 15.14
CA GLN A 55 5.57 -13.86 15.73
C GLN A 55 6.15 -15.06 14.98
N GLY A 56 5.38 -15.58 14.02
CA GLY A 56 5.76 -16.76 13.24
C GLY A 56 6.00 -17.97 14.13
N LYS A 57 7.13 -18.62 13.93
CA LYS A 57 7.52 -19.74 14.77
C LYS A 57 8.70 -19.42 15.68
N LEU A 58 8.96 -18.12 15.89
CA LEU A 58 9.99 -17.71 16.85
C LEU A 58 9.49 -17.79 18.28
N SER A 59 10.32 -18.35 19.17
CA SER A 59 10.03 -18.36 20.60
C SER A 59 9.98 -16.92 21.07
N ASN A 60 9.40 -16.70 22.26
CA ASN A 60 9.42 -15.37 22.86
C ASN A 60 10.84 -14.80 23.00
N GLN A 61 11.79 -15.66 23.37
CA GLN A 61 13.19 -15.25 23.51
C GLN A 61 13.81 -14.83 22.18
N GLN A 62 13.57 -15.61 21.13
CA GLN A 62 14.10 -15.30 19.82
C GLN A 62 13.49 -13.99 19.32
N TRP A 63 12.18 -13.84 19.52
CA TRP A 63 11.51 -12.60 19.13
C TRP A 63 12.01 -11.37 19.89
N GLU A 64 12.12 -11.49 21.21
N GLU A 64 12.13 -11.46 21.23
CA GLU A 64 12.64 -10.41 22.04
CA GLU A 64 12.63 -10.37 22.06
C GLU A 64 14.08 -9.99 21.64
C GLU A 64 14.08 -9.96 21.73
N LYS A 65 14.94 -10.96 21.35
CA LYS A 65 16.31 -10.68 20.87
C LYS A 65 16.29 -9.88 19.57
N LEU A 66 15.50 -10.35 18.61
CA LEU A 66 15.34 -9.70 17.33
C LEU A 66 14.78 -8.29 17.50
N GLN A 67 13.75 -8.14 18.34
CA GLN A 67 13.19 -6.82 18.63
C GLN A 67 14.18 -5.86 19.31
N HIS A 68 14.96 -6.36 20.27
CA HIS A 68 15.95 -5.50 20.92
C HIS A 68 16.93 -4.93 19.89
N MET A 69 17.39 -5.79 18.98
N MET A 69 17.37 -5.77 18.96
CA MET A 69 18.29 -5.41 17.91
CA MET A 69 18.32 -5.34 17.95
C MET A 69 17.72 -4.20 17.16
C MET A 69 17.74 -4.22 17.07
N PHE A 70 16.46 -4.31 16.78
CA PHE A 70 15.77 -3.25 16.05
C PHE A 70 15.59 -1.96 16.84
N GLN A 71 15.28 -2.10 18.13
CA GLN A 71 15.17 -0.97 19.05
C GLN A 71 16.49 -0.19 19.12
N VAL A 72 17.61 -0.91 19.23
CA VAL A 72 18.93 -0.26 19.19
C VAL A 72 19.17 0.42 17.84
N TYR A 73 18.86 -0.31 16.77
CA TYR A 73 19.00 0.21 15.42
C TYR A 73 18.20 1.49 15.18
N ARG A 74 16.94 1.52 15.60
CA ARG A 74 16.10 2.71 15.40
C ARG A 74 16.72 3.97 16.04
N VAL A 75 17.23 3.86 17.27
CA VAL A 75 17.91 4.96 17.92
C VAL A 75 19.18 5.34 17.19
N SER A 76 19.99 4.35 16.82
N SER A 76 20.01 4.36 16.82
CA SER A 76 21.30 4.60 16.22
CA SER A 76 21.31 4.69 16.23
C SER A 76 21.12 5.26 14.85
C SER A 76 21.18 5.22 14.80
N PHE A 77 20.19 4.71 14.06
CA PHE A 77 19.90 5.24 12.72
C PHE A 77 19.55 6.73 12.76
N THR A 78 18.64 7.08 13.67
CA THR A 78 18.22 8.46 13.85
C THR A 78 19.38 9.40 14.21
N ARG A 79 20.22 8.96 15.17
CA ARG A 79 21.39 9.73 15.59
C ARG A 79 22.38 9.88 14.44
N ASP A 80 22.64 8.78 13.74
CA ASP A 80 23.62 8.77 12.65
C ASP A 80 23.23 9.67 11.49
N ILE A 81 21.95 9.64 11.08
CA ILE A 81 21.48 10.51 10.02
C ILE A 81 21.57 11.98 10.46
N GLN A 82 21.15 12.28 11.69
CA GLN A 82 21.19 13.66 12.17
C GLN A 82 22.62 14.20 12.21
N GLU A 83 23.57 13.34 12.56
CA GLU A 83 24.99 13.73 12.62
C GLU A 83 25.59 13.85 11.22
N LEU A 84 25.13 13.03 10.29
CA LEU A 84 25.50 13.19 8.89
C LEU A 84 25.09 14.55 8.30
N VAL A 85 23.85 14.96 8.56
CA VAL A 85 23.32 16.26 8.12
C VAL A 85 24.11 17.42 8.73
N LYS A 86 24.41 17.33 10.03
CA LYS A 86 25.22 18.33 10.72
C LYS A 86 26.65 18.41 10.19
N MET A 87 27.20 17.25 9.83
CA MET A 87 28.56 17.11 9.27
C MET A 87 28.64 17.70 7.85
N MET A 88 27.49 17.86 7.22
CA MET A 88 27.39 18.54 5.94
C MET A 88 26.73 19.90 6.13
N ASP A 93 20.51 19.36 3.49
CA ASP A 93 19.36 20.28 3.40
C ASP A 93 18.05 19.65 3.86
N TYR A 94 17.55 20.07 5.03
CA TYR A 94 16.22 19.66 5.49
C TYR A 94 15.13 20.28 4.61
N PRO A 95 13.98 19.60 4.48
CA PRO A 95 13.62 18.29 5.05
C PRO A 95 14.28 17.10 4.36
N ILE A 96 14.50 16.02 5.11
CA ILE A 96 15.07 14.80 4.55
C ILE A 96 14.09 13.64 4.76
N GLU A 97 13.87 12.90 3.67
CA GLU A 97 13.08 11.68 3.68
C GLU A 97 14.00 10.53 3.35
N ILE A 98 14.04 9.50 4.19
CA ILE A 98 14.79 8.31 3.89
C ILE A 98 13.85 7.14 3.99
N GLN A 99 13.95 6.22 3.04
CA GLN A 99 13.17 4.98 3.06
C GLN A 99 14.05 3.73 2.94
N LEU A 100 13.69 2.67 3.65
CA LEU A 100 14.41 1.42 3.54
C LEU A 100 13.42 0.33 3.22
N SER A 101 13.77 -0.49 2.24
CA SER A 101 12.96 -1.66 1.88
C SER A 101 13.85 -2.87 1.99
N ALA A 102 13.51 -3.76 2.92
CA ALA A 102 14.35 -4.94 3.22
C ALA A 102 13.50 -6.18 3.40
N GLY A 103 14.03 -7.33 2.99
CA GLY A 103 13.24 -8.55 3.11
C GLY A 103 13.78 -9.64 2.24
N CYS A 104 12.91 -10.58 1.89
CA CYS A 104 13.33 -11.71 1.07
C CYS A 104 12.16 -12.21 0.26
N GLU A 105 12.49 -12.95 -0.79
CA GLU A 105 11.51 -13.50 -1.74
C GLU A 105 11.88 -14.96 -1.99
N MET A 106 10.91 -15.79 -2.35
CA MET A 106 11.29 -17.09 -2.93
C MET A 106 10.46 -17.47 -4.14
N ALA A 111 17.55 -20.85 -2.42
CA ALA A 111 16.32 -20.58 -3.17
C ALA A 111 15.88 -19.15 -2.87
N SER A 112 15.44 -18.89 -1.63
CA SER A 112 15.14 -17.53 -1.18
C SER A 112 16.30 -16.60 -1.50
N GLU A 113 15.98 -15.34 -1.82
CA GLU A 113 17.00 -14.30 -2.00
C GLU A 113 16.54 -13.06 -1.23
N SER A 114 17.49 -12.37 -0.61
CA SER A 114 17.14 -11.24 0.24
C SER A 114 17.57 -9.92 -0.39
N PHE A 115 17.07 -8.82 0.14
CA PHE A 115 17.36 -7.49 -0.44
C PHE A 115 17.32 -6.44 0.67
N LEU A 116 18.06 -5.37 0.46
CA LEU A 116 18.03 -4.23 1.39
C LEU A 116 18.34 -3.04 0.50
N HIS A 117 17.31 -2.25 0.20
N HIS A 117 17.31 -2.26 0.19
CA HIS A 117 17.44 -1.08 -0.69
CA HIS A 117 17.44 -1.06 -0.67
C HIS A 117 17.06 0.21 0.09
C HIS A 117 17.12 0.19 0.15
N VAL A 118 17.79 1.30 -0.18
CA VAL A 118 17.61 2.54 0.55
C VAL A 118 17.38 3.69 -0.41
N ALA A 119 16.34 4.48 -0.16
CA ALA A 119 16.09 5.69 -0.95
C ALA A 119 16.27 6.94 -0.14
N PHE A 120 16.74 7.98 -0.82
CA PHE A 120 16.96 9.28 -0.22
C PHE A 120 16.17 10.28 -1.06
N GLN A 121 15.31 11.07 -0.42
CA GLN A 121 14.45 12.02 -1.11
C GLN A 121 13.70 11.35 -2.25
N GLY A 122 13.25 10.12 -2.01
CA GLY A 122 12.38 9.36 -2.93
C GLY A 122 13.07 8.66 -4.11
N LYS A 123 14.40 8.64 -4.07
CA LYS A 123 15.23 8.03 -5.11
C LYS A 123 16.19 6.97 -4.56
N TYR A 124 16.19 5.80 -5.20
CA TYR A 124 17.05 4.69 -4.78
C TYR A 124 18.51 5.12 -4.91
N VAL A 125 19.27 5.01 -3.81
CA VAL A 125 20.68 5.41 -3.79
C VAL A 125 21.67 4.38 -3.28
N VAL A 126 21.22 3.47 -2.39
CA VAL A 126 22.15 2.56 -1.75
C VAL A 126 21.52 1.20 -1.56
N ARG A 127 22.33 0.15 -1.66
CA ARG A 127 21.84 -1.19 -1.29
C ARG A 127 22.88 -1.88 -0.42
N PHE A 128 22.42 -2.85 0.37
CA PHE A 128 23.38 -3.81 0.93
C PHE A 128 23.47 -4.99 -0.04
N TRP A 129 24.70 -5.40 -0.36
CA TRP A 129 24.88 -6.50 -1.29
C TRP A 129 26.04 -7.42 -0.89
N GLY A 130 25.72 -8.67 -0.58
CA GLY A 130 26.72 -9.65 -0.18
C GLY A 130 27.26 -9.39 1.22
N THR A 131 28.32 -8.58 1.31
CA THR A 131 28.94 -8.29 2.62
C THR A 131 29.15 -6.79 2.86
N SER A 132 28.62 -5.94 2.00
CA SER A 132 28.84 -4.50 2.18
C SER A 132 27.77 -3.63 1.57
N TRP A 133 27.75 -2.38 2.04
CA TRP A 133 26.90 -1.32 1.53
C TRP A 133 27.53 -0.80 0.23
N GLN A 134 26.68 -0.50 -0.75
CA GLN A 134 27.17 0.04 -2.03
C GLN A 134 26.26 1.20 -2.43
N THR A 135 26.84 2.24 -3.06
CA THR A 135 26.04 3.24 -3.72
C THR A 135 25.70 2.68 -5.10
N VAL A 136 24.54 3.04 -5.62
CA VAL A 136 24.16 2.58 -6.95
C VAL A 136 24.73 3.56 -7.99
N PRO A 137 24.96 3.11 -9.24
CA PRO A 137 25.48 4.08 -10.22
C PRO A 137 24.53 5.28 -10.36
N GLY A 138 25.08 6.48 -10.39
CA GLY A 138 24.24 7.67 -10.52
C GLY A 138 23.89 8.29 -9.19
N ALA A 139 24.18 7.59 -8.10
CA ALA A 139 23.89 8.15 -6.76
C ALA A 139 24.85 9.32 -6.52
N PRO A 140 24.40 10.34 -5.73
CA PRO A 140 25.22 11.53 -5.50
C PRO A 140 26.57 11.16 -4.88
N SER A 141 27.62 11.81 -5.34
CA SER A 141 28.98 11.45 -4.94
C SER A 141 29.25 11.71 -3.46
N TRP A 142 28.46 12.59 -2.84
CA TRP A 142 28.71 12.90 -1.42
C TRP A 142 28.40 11.71 -0.52
N LEU A 143 27.69 10.71 -1.06
CA LEU A 143 27.40 9.48 -0.31
C LEU A 143 28.60 8.54 -0.19
N ASP A 144 29.63 8.70 -1.03
CA ASP A 144 30.71 7.70 -1.08
C ASP A 144 31.47 7.62 0.25
N LEU A 145 31.83 8.78 0.78
CA LEU A 145 32.56 8.82 2.07
C LEU A 145 31.73 8.22 3.23
N PRO A 146 30.50 8.73 3.45
CA PRO A 146 29.75 8.09 4.56
C PRO A 146 29.47 6.59 4.38
N ILE A 147 29.28 6.14 3.14
CA ILE A 147 29.20 4.68 2.90
C ILE A 147 30.52 3.94 3.24
N LYS A 148 31.65 4.56 2.90
N LYS A 148 31.66 4.56 2.92
CA LYS A 148 32.94 4.02 3.30
CA LYS A 148 32.97 4.04 3.30
C LYS A 148 33.00 3.84 4.82
C LYS A 148 33.12 3.88 4.82
N VAL A 149 32.69 4.90 5.56
CA VAL A 149 32.76 4.82 7.01
C VAL A 149 31.76 3.81 7.55
N LEU A 150 30.59 3.68 6.92
CA LEU A 150 29.62 2.67 7.35
C LEU A 150 30.20 1.26 7.12
N ASN A 151 30.86 1.07 5.98
CA ASN A 151 31.50 -0.19 5.67
C ASN A 151 32.63 -0.59 6.62
N ALA A 152 33.22 0.37 7.32
CA ALA A 152 34.26 0.06 8.30
C ALA A 152 33.70 -0.57 9.57
N ASP A 153 32.39 -0.43 9.78
CA ASP A 153 31.68 -1.03 10.91
C ASP A 153 31.39 -2.52 10.63
N GLN A 154 32.38 -3.39 10.88
CA GLN A 154 32.22 -4.83 10.65
C GLN A 154 31.10 -5.49 11.48
N GLY A 155 30.90 -5.02 12.71
CA GLY A 155 29.78 -5.52 13.54
C GLY A 155 28.43 -5.33 12.86
N THR A 156 28.18 -4.12 12.37
CA THR A 156 26.96 -3.88 11.66
C THR A 156 26.89 -4.71 10.37
N SER A 157 28.00 -4.79 9.64
N SER A 157 27.98 -4.79 9.61
CA SER A 157 28.02 -5.56 8.39
CA SER A 157 27.91 -5.53 8.37
C SER A 157 27.61 -7.00 8.66
C SER A 157 27.65 -7.03 8.62
N ALA A 158 28.25 -7.60 9.66
CA ALA A 158 28.01 -8.99 10.05
C ALA A 158 26.57 -9.24 10.47
N THR A 159 26.00 -8.32 11.25
CA THR A 159 24.61 -8.39 11.67
C THR A 159 23.63 -8.35 10.49
N VAL A 160 23.87 -7.43 9.57
CA VAL A 160 23.03 -7.33 8.38
C VAL A 160 23.12 -8.61 7.54
N GLN A 161 24.32 -9.15 7.37
CA GLN A 161 24.47 -10.45 6.69
C GLN A 161 23.65 -11.55 7.35
N MET A 162 23.70 -11.64 8.67
N MET A 162 23.70 -11.64 8.68
CA MET A 162 22.93 -12.66 9.39
CA MET A 162 22.92 -12.64 9.41
C MET A 162 21.42 -12.47 9.21
C MET A 162 21.43 -12.46 9.14
N LEU A 163 20.96 -11.22 9.27
CA LEU A 163 19.54 -10.90 9.09
C LEU A 163 19.02 -11.30 7.71
N LEU A 164 19.77 -10.89 6.69
CA LEU A 164 19.39 -11.13 5.30
C LEU A 164 19.56 -12.59 4.91
N ASN A 165 20.72 -13.18 5.24
CA ASN A 165 20.97 -14.55 4.78
C ASN A 165 20.22 -15.59 5.57
N ASP A 166 20.06 -15.38 6.88
CA ASP A 166 19.60 -16.42 7.80
C ASP A 166 18.22 -16.09 8.36
N THR A 167 18.11 -14.96 9.05
CA THR A 167 16.92 -14.70 9.82
C THR A 167 15.68 -14.49 8.95
N CYS A 168 15.84 -13.76 7.85
CA CYS A 168 14.69 -13.43 6.99
C CYS A 168 13.97 -14.70 6.48
N PRO A 169 14.70 -15.59 5.77
CA PRO A 169 13.97 -16.76 5.29
C PRO A 169 13.47 -17.68 6.39
N LEU A 170 14.25 -17.85 7.45
CA LEU A 170 13.80 -18.59 8.64
C LEU A 170 12.49 -18.04 9.18
N PHE A 171 12.45 -16.73 9.39
CA PHE A 171 11.26 -16.08 9.93
C PHE A 171 10.08 -16.27 8.99
N VAL A 172 10.32 -16.05 7.69
CA VAL A 172 9.23 -16.19 6.71
C VAL A 172 8.66 -17.61 6.72
N ARG A 173 9.52 -18.65 6.74
CA ARG A 173 9.01 -20.04 6.78
C ARG A 173 8.02 -20.23 7.92
N GLY A 174 8.33 -19.67 9.09
CA GLY A 174 7.46 -19.75 10.26
C GLY A 174 6.16 -18.98 10.10
N LEU A 175 6.24 -17.79 9.50
CA LEU A 175 5.03 -17.00 9.19
C LEU A 175 4.09 -17.77 8.28
N LEU A 176 4.63 -18.36 7.23
CA LEU A 176 3.83 -19.19 6.31
C LEU A 176 3.08 -20.33 7.00
N GLU A 177 3.77 -21.05 7.91
CA GLU A 177 3.15 -22.10 8.70
C GLU A 177 2.08 -21.58 9.66
N ALA A 178 2.43 -20.57 10.44
CA ALA A 178 1.55 -20.05 11.48
C ALA A 178 0.31 -19.36 10.87
N GLY A 179 0.50 -18.66 9.76
CA GLY A 179 -0.56 -17.83 9.16
C GLY A 179 -1.35 -18.50 8.05
N LYS A 180 -1.23 -19.83 7.98
CA LYS A 180 -1.75 -20.61 6.85
C LYS A 180 -3.21 -20.27 6.52
N SER A 181 -4.09 -20.29 7.51
CA SER A 181 -5.51 -20.05 7.26
C SER A 181 -5.83 -18.64 6.71
N ASP A 182 -5.06 -17.62 7.09
CA ASP A 182 -5.25 -16.28 6.50
C ASP A 182 -4.63 -16.16 5.12
N LEU A 183 -3.43 -16.71 4.99
CA LEU A 183 -2.71 -16.59 3.76
C LEU A 183 -3.46 -17.30 2.64
N GLU A 184 -4.12 -18.40 2.97
N GLU A 184 -4.09 -18.42 2.99
CA GLU A 184 -4.84 -19.18 2.00
CA GLU A 184 -4.85 -19.27 2.07
C GLU A 184 -6.36 -18.97 2.09
C GLU A 184 -6.36 -18.98 2.10
N LYS A 185 -6.78 -17.86 2.71
CA LYS A 185 -8.22 -17.55 2.81
C LYS A 185 -8.79 -17.26 1.42
N GLN A 186 -10.08 -17.56 1.25
CA GLN A 186 -10.80 -17.22 0.01
C GLN A 186 -12.00 -16.37 0.38
N GLU A 187 -12.10 -15.20 -0.24
CA GLU A 187 -13.27 -14.34 -0.06
C GLU A 187 -13.90 -14.03 -1.42
N LYS A 188 -15.24 -14.13 -1.50
CA LYS A 188 -15.92 -14.02 -2.80
C LYS A 188 -16.14 -12.59 -3.28
N PRO A 189 -15.87 -12.32 -4.56
CA PRO A 189 -16.22 -11.00 -5.11
C PRO A 189 -17.74 -10.85 -5.16
N VAL A 190 -18.20 -9.60 -4.96
CA VAL A 190 -19.57 -9.20 -5.30
C VAL A 190 -19.42 -8.13 -6.36
N ALA A 191 -20.22 -8.24 -7.43
CA ALA A 191 -20.14 -7.32 -8.54
C ALA A 191 -21.41 -6.53 -8.75
N TRP A 192 -21.26 -5.37 -9.40
CA TRP A 192 -22.41 -4.55 -9.78
C TRP A 192 -22.04 -3.66 -10.97
N LEU A 193 -23.05 -3.32 -11.75
CA LEU A 193 -22.89 -2.54 -12.98
C LEU A 193 -23.45 -1.15 -12.79
N SER A 194 -22.80 -0.17 -13.43
CA SER A 194 -23.36 1.18 -13.57
C SER A 194 -22.88 1.79 -14.86
N SER A 195 -23.34 3.02 -15.12
CA SER A 195 -22.88 3.72 -16.34
C SER A 195 -22.93 5.23 -16.23
N VAL A 196 -22.11 5.87 -17.08
CA VAL A 196 -22.07 7.34 -17.25
C VAL A 196 -21.96 7.71 -18.74
N PRO A 197 -22.43 8.91 -19.10
CA PRO A 197 -22.13 9.40 -20.47
C PRO A 197 -20.61 9.53 -20.73
N SER A 198 -20.18 9.39 -21.99
CA SER A 198 -18.74 9.46 -22.29
C SER A 198 -18.38 10.34 -23.50
N HIS A 201 -21.14 12.38 -27.58
CA HIS A 201 -22.59 12.21 -27.42
C HIS A 201 -23.12 10.92 -28.06
N GLY A 202 -24.05 10.27 -27.36
CA GLY A 202 -24.51 8.93 -27.73
C GLY A 202 -23.71 7.88 -26.95
N HIS A 203 -22.40 8.08 -26.87
CA HIS A 203 -21.55 7.09 -26.20
C HIS A 203 -21.67 7.07 -24.68
N ARG A 204 -21.57 5.87 -24.10
N ARG A 204 -21.54 5.86 -24.13
CA ARG A 204 -21.60 5.72 -22.67
CA ARG A 204 -21.64 5.60 -22.70
C ARG A 204 -20.46 4.82 -22.21
C ARG A 204 -20.40 4.84 -22.24
N GLN A 205 -19.99 5.07 -21.00
CA GLN A 205 -19.01 4.20 -20.37
C GLN A 205 -19.71 3.30 -19.35
N LEU A 206 -19.71 2.01 -19.63
CA LEU A 206 -20.24 1.02 -18.71
C LEU A 206 -19.20 0.62 -17.71
N VAL A 207 -19.60 0.41 -16.45
CA VAL A 207 -18.62 0.09 -15.38
C VAL A 207 -19.01 -1.17 -14.65
N CYS A 208 -18.11 -2.14 -14.62
CA CYS A 208 -18.34 -3.36 -13.85
C CYS A 208 -17.45 -3.25 -12.62
N HIS A 209 -18.07 -3.19 -11.44
CA HIS A 209 -17.36 -3.01 -10.16
C HIS A 209 -17.27 -4.39 -9.52
N VAL A 210 -16.11 -4.75 -8.99
CA VAL A 210 -15.93 -6.07 -8.38
C VAL A 210 -15.26 -5.89 -7.03
N SER A 211 -15.90 -6.27 -5.91
CA SER A 211 -15.36 -5.88 -4.59
C SER A 211 -15.43 -7.02 -3.60
N GLY A 212 -14.40 -7.14 -2.75
CA GLY A 212 -14.49 -8.06 -1.61
C GLY A 212 -13.78 -9.37 -1.83
N PHE A 213 -13.05 -9.50 -2.94
CA PHE A 213 -12.41 -10.77 -3.27
C PHE A 213 -11.02 -10.88 -2.65
N TYR A 214 -10.65 -12.11 -2.36
CA TYR A 214 -9.31 -12.44 -1.93
C TYR A 214 -9.10 -13.90 -2.26
N PRO A 215 -7.93 -14.28 -2.80
CA PRO A 215 -6.74 -13.46 -3.05
C PRO A 215 -6.89 -12.63 -4.30
N LYS A 216 -5.82 -11.92 -4.63
CA LYS A 216 -5.87 -10.85 -5.61
C LYS A 216 -6.18 -11.28 -7.05
N PRO A 217 -5.65 -12.46 -7.50
CA PRO A 217 -5.87 -12.84 -8.92
C PRO A 217 -7.35 -12.95 -9.25
N VAL A 218 -7.76 -12.33 -10.37
CA VAL A 218 -9.19 -12.22 -10.75
C VAL A 218 -9.26 -11.97 -12.25
N TRP A 219 -10.38 -12.31 -12.87
CA TRP A 219 -10.51 -12.09 -14.29
C TRP A 219 -11.84 -11.39 -14.41
N VAL A 220 -11.87 -10.27 -15.12
CA VAL A 220 -13.11 -9.47 -15.24
C VAL A 220 -13.15 -8.99 -16.69
N MET A 221 -14.17 -9.40 -17.45
N MET A 221 -14.17 -9.38 -17.44
CA MET A 221 -14.30 -8.95 -18.85
CA MET A 221 -14.28 -8.96 -18.86
C MET A 221 -15.74 -8.57 -19.16
C MET A 221 -15.71 -8.63 -19.24
N TRP A 222 -15.90 -7.56 -20.01
CA TRP A 222 -17.19 -7.35 -20.69
C TRP A 222 -17.27 -8.36 -21.82
N MET A 223 -18.47 -8.87 -22.06
CA MET A 223 -18.71 -9.93 -23.02
C MET A 223 -19.94 -9.62 -23.85
N ARG A 224 -19.96 -10.12 -25.08
N ARG A 224 -19.94 -10.13 -25.08
CA ARG A 224 -21.20 -10.28 -25.84
CA ARG A 224 -21.17 -10.31 -25.86
C ARG A 224 -21.34 -11.75 -26.21
C ARG A 224 -21.28 -11.78 -26.18
N GLY A 225 -22.16 -12.47 -25.46
CA GLY A 225 -22.25 -13.93 -25.61
C GLY A 225 -20.92 -14.47 -25.10
N ASP A 226 -20.28 -15.34 -25.88
CA ASP A 226 -19.01 -15.91 -25.47
C ASP A 226 -17.80 -15.11 -25.98
N GLN A 227 -18.07 -13.99 -26.63
CA GLN A 227 -17.03 -13.09 -27.18
C GLN A 227 -16.57 -12.02 -26.24
N GLU A 228 -15.29 -12.06 -25.90
CA GLU A 228 -14.71 -11.09 -25.00
C GLU A 228 -14.63 -9.75 -25.72
N GLN A 229 -15.01 -8.67 -25.03
CA GLN A 229 -14.98 -7.34 -25.64
C GLN A 229 -13.59 -6.77 -25.32
N GLN A 230 -12.77 -6.62 -26.35
CA GLN A 230 -11.38 -6.16 -26.09
C GLN A 230 -11.28 -4.69 -25.73
N GLY A 231 -12.41 -3.96 -25.78
CA GLY A 231 -12.46 -2.60 -25.22
C GLY A 231 -12.46 -2.58 -23.70
N THR A 232 -12.65 -3.76 -23.07
CA THR A 232 -12.58 -3.85 -21.60
C THR A 232 -11.31 -3.19 -21.05
N HIS A 233 -11.51 -2.20 -20.18
CA HIS A 233 -10.42 -1.42 -19.59
C HIS A 233 -10.37 -1.64 -18.09
N ARG A 234 -9.48 -2.53 -17.65
N ARG A 234 -9.44 -2.50 -17.67
CA ARG A 234 -9.38 -2.82 -16.21
CA ARG A 234 -9.23 -2.84 -16.24
C ARG A 234 -8.59 -1.74 -15.47
C ARG A 234 -8.57 -1.68 -15.48
N GLY A 235 -9.14 -1.30 -14.35
CA GLY A 235 -8.51 -0.32 -13.47
C GLY A 235 -7.41 -1.01 -12.64
N ASP A 236 -6.88 -0.25 -11.70
CA ASP A 236 -5.91 -0.79 -10.73
C ASP A 236 -6.62 -1.57 -9.63
N PHE A 237 -5.90 -2.49 -9.01
CA PHE A 237 -6.39 -3.12 -7.75
C PHE A 237 -6.35 -2.11 -6.62
N LEU A 238 -7.49 -1.93 -5.95
CA LEU A 238 -7.61 -0.94 -4.88
C LEU A 238 -7.98 -1.71 -3.60
N PRO A 239 -7.37 -1.34 -2.46
CA PRO A 239 -7.64 -2.16 -1.29
C PRO A 239 -8.95 -1.76 -0.61
N ASN A 240 -9.65 -2.76 -0.09
CA ASN A 240 -10.67 -2.50 0.92
C ASN A 240 -10.02 -2.58 2.29
N ALA A 241 -10.70 -2.03 3.27
CA ALA A 241 -10.17 -1.92 4.61
C ALA A 241 -10.17 -3.25 5.36
N ASP A 242 -10.87 -4.24 4.82
CA ASP A 242 -11.02 -5.55 5.49
C ASP A 242 -10.21 -6.64 4.80
N GLU A 243 -9.07 -6.23 4.23
CA GLU A 243 -8.10 -7.17 3.64
C GLU A 243 -8.77 -7.98 2.52
N THR A 244 -9.54 -7.26 1.71
CA THR A 244 -10.01 -7.81 0.44
C THR A 244 -9.73 -6.75 -0.61
N TRP A 245 -9.98 -7.11 -1.86
CA TRP A 245 -9.65 -6.23 -2.99
C TRP A 245 -10.86 -5.69 -3.72
N TYR A 246 -10.64 -4.57 -4.43
CA TYR A 246 -11.65 -3.96 -5.29
C TYR A 246 -11.01 -3.72 -6.64
N LEU A 247 -11.78 -3.97 -7.69
N LEU A 247 -11.74 -3.99 -7.73
CA LEU A 247 -11.35 -3.69 -9.05
CA LEU A 247 -11.24 -3.70 -9.08
C LEU A 247 -12.55 -3.25 -9.85
C LEU A 247 -12.44 -3.41 -9.98
N GLN A 248 -12.35 -2.38 -10.82
CA GLN A 248 -13.42 -2.13 -11.80
C GLN A 248 -12.89 -2.21 -13.22
N ALA A 249 -13.81 -2.52 -14.11
CA ALA A 249 -13.47 -2.65 -15.54
C ALA A 249 -14.52 -1.94 -16.35
N THR A 250 -14.06 -1.06 -17.24
CA THR A 250 -14.99 -0.19 -17.97
C THR A 250 -15.06 -0.57 -19.45
N LEU A 251 -16.15 -0.16 -20.11
CA LEU A 251 -16.26 -0.38 -21.56
C LEU A 251 -16.97 0.80 -22.17
N ASP A 252 -16.31 1.47 -23.12
N ASP A 252 -16.35 1.44 -23.15
CA ASP A 252 -16.97 2.50 -23.92
CA ASP A 252 -17.00 2.55 -23.87
C ASP A 252 -17.88 1.84 -24.93
C ASP A 252 -17.80 2.07 -25.07
N VAL A 253 -19.12 2.31 -25.04
CA VAL A 253 -20.04 1.76 -26.05
C VAL A 253 -20.86 2.83 -26.75
N GLU A 254 -21.16 2.60 -28.02
CA GLU A 254 -22.05 3.46 -28.79
C GLU A 254 -23.50 3.34 -28.30
N ALA A 255 -24.28 4.39 -28.49
CA ALA A 255 -25.69 4.42 -28.10
C ALA A 255 -26.43 3.18 -28.60
N GLY A 256 -27.27 2.61 -27.74
CA GLY A 256 -28.16 1.53 -28.17
C GLY A 256 -27.43 0.19 -28.17
N GLU A 257 -26.12 0.23 -28.47
CA GLU A 257 -25.31 -0.97 -28.60
C GLU A 257 -24.99 -1.60 -27.26
N GLU A 258 -25.58 -1.06 -26.19
CA GLU A 258 -25.46 -1.61 -24.84
C GLU A 258 -26.13 -2.95 -24.71
N ALA A 259 -27.15 -3.16 -25.55
CA ALA A 259 -27.95 -4.37 -25.47
C ALA A 259 -27.13 -5.61 -25.76
N GLY A 260 -27.29 -6.61 -24.90
CA GLY A 260 -26.59 -7.87 -25.11
C GLY A 260 -25.26 -7.93 -24.37
N LEU A 261 -24.84 -6.85 -23.72
CA LEU A 261 -23.55 -6.87 -23.00
C LEU A 261 -23.68 -7.42 -21.57
N ALA A 262 -22.61 -8.07 -21.12
CA ALA A 262 -22.55 -8.69 -19.81
C ALA A 262 -21.16 -8.53 -19.27
N CYS A 263 -21.03 -8.47 -17.95
CA CYS A 263 -19.72 -8.49 -17.30
C CYS A 263 -19.55 -9.86 -16.66
N ARG A 264 -18.44 -10.52 -16.95
CA ARG A 264 -18.17 -11.85 -16.42
C ARG A 264 -16.98 -11.78 -15.48
N VAL A 265 -17.10 -12.41 -14.31
CA VAL A 265 -16.05 -12.37 -13.30
C VAL A 265 -15.66 -13.81 -12.94
N LYS A 266 -14.38 -14.15 -13.06
CA LYS A 266 -13.88 -15.46 -12.63
C LYS A 266 -12.97 -15.23 -11.42
N HIS A 267 -13.10 -16.10 -10.41
CA HIS A 267 -12.30 -15.96 -9.19
C HIS A 267 -12.22 -17.30 -8.50
N SER A 268 -11.04 -17.59 -7.96
CA SER A 268 -10.76 -18.85 -7.26
C SER A 268 -11.82 -19.19 -6.20
N SER A 269 -12.43 -18.17 -5.58
CA SER A 269 -13.40 -18.40 -4.48
C SER A 269 -14.76 -18.93 -4.96
N LEU A 270 -15.00 -18.85 -6.26
CA LEU A 270 -16.32 -19.12 -6.86
C LEU A 270 -16.58 -20.58 -7.24
N GLY A 271 -15.57 -21.44 -7.08
CA GLY A 271 -15.70 -22.85 -7.39
C GLY A 271 -16.18 -23.12 -8.81
N GLY A 272 -15.70 -22.32 -9.76
CA GLY A 272 -15.97 -22.58 -11.18
C GLY A 272 -17.30 -22.04 -11.70
N GLN A 273 -18.02 -21.33 -10.84
CA GLN A 273 -19.28 -20.71 -11.25
C GLN A 273 -19.04 -19.21 -11.38
N ASP A 274 -18.80 -18.76 -12.61
CA ASP A 274 -18.50 -17.32 -12.78
C ASP A 274 -19.70 -16.45 -12.40
N ILE A 275 -19.41 -15.24 -11.97
CA ILE A 275 -20.46 -14.23 -11.86
C ILE A 275 -20.69 -13.68 -13.25
N ILE A 276 -21.95 -13.62 -13.68
CA ILE A 276 -22.26 -12.89 -14.90
C ILE A 276 -23.43 -11.96 -14.68
N LEU A 277 -23.19 -10.67 -14.88
CA LEU A 277 -24.26 -9.67 -14.75
C LEU A 277 -24.56 -9.14 -16.12
N TYR A 278 -25.85 -8.94 -16.40
CA TYR A 278 -26.28 -8.52 -17.73
C TYR A 278 -26.73 -7.07 -17.71
N TRP A 279 -26.25 -6.30 -18.68
CA TRP A 279 -26.70 -4.93 -18.80
C TRP A 279 -28.13 -4.83 -19.36
N ILE B 1 12.30 14.24 -4.91
CA ILE B 1 11.39 15.21 -5.61
C ILE B 1 9.94 15.05 -5.11
N GLN B 2 9.11 16.09 -5.30
CA GLN B 2 7.70 16.03 -4.87
C GLN B 2 6.81 15.32 -5.90
N LYS B 3 5.89 14.49 -5.41
CA LYS B 3 4.94 13.78 -6.26
C LYS B 3 3.54 14.06 -5.75
N THR B 4 2.64 14.37 -6.70
N THR B 4 2.63 14.40 -6.68
CA THR B 4 1.25 14.76 -6.42
CA THR B 4 1.28 14.82 -6.32
C THR B 4 0.40 13.52 -6.12
C THR B 4 0.36 13.62 -6.16
N PRO B 5 -0.43 13.58 -5.07
CA PRO B 5 -1.30 12.42 -4.79
C PRO B 5 -2.39 12.18 -5.84
N GLN B 6 -2.60 10.90 -6.14
N GLN B 6 -2.66 10.92 -6.12
CA GLN B 6 -3.77 10.44 -6.89
CA GLN B 6 -3.80 10.54 -6.94
C GLN B 6 -4.82 10.06 -5.84
C GLN B 6 -4.83 9.89 -6.02
N ILE B 7 -6.09 10.29 -6.16
CA ILE B 7 -7.16 10.00 -5.19
C ILE B 7 -8.26 9.19 -5.89
N GLN B 8 -8.64 8.05 -5.30
CA GLN B 8 -9.73 7.26 -5.86
C GLN B 8 -10.77 6.98 -4.77
N VAL B 9 -12.05 7.14 -5.11
CA VAL B 9 -13.12 7.04 -4.09
C VAL B 9 -14.10 6.00 -4.59
N TYR B 10 -14.43 5.05 -3.73
CA TYR B 10 -15.17 3.87 -4.14
C TYR B 10 -15.83 3.25 -2.92
N SER B 11 -16.95 2.56 -3.13
CA SER B 11 -17.65 1.93 -2.01
C SER B 11 -17.24 0.48 -1.87
N ARG B 12 -17.27 -0.01 -0.63
CA ARG B 12 -16.98 -1.39 -0.31
C ARG B 12 -18.00 -2.37 -0.88
N HIS B 13 -19.29 -2.00 -0.81
CA HIS B 13 -20.38 -2.84 -1.23
C HIS B 13 -21.18 -2.10 -2.30
N PRO B 14 -21.97 -2.84 -3.06
CA PRO B 14 -22.87 -2.17 -4.02
C PRO B 14 -23.70 -1.12 -3.29
N PRO B 15 -23.77 0.10 -3.83
CA PRO B 15 -24.51 1.15 -3.18
C PRO B 15 -26.01 0.93 -3.28
N GLU B 16 -26.69 1.02 -2.15
N GLU B 16 -26.67 1.00 -2.14
CA GLU B 16 -28.14 0.87 -2.09
CA GLU B 16 -28.12 0.94 -2.11
C GLU B 16 -28.67 1.95 -1.15
C GLU B 16 -28.56 2.05 -1.19
N ASN B 17 -29.43 2.92 -1.69
CA ASN B 17 -29.86 4.08 -0.89
C ASN B 17 -30.53 3.57 0.38
N GLY B 18 -30.14 4.18 1.50
CA GLY B 18 -30.67 3.78 2.81
C GLY B 18 -30.00 2.58 3.47
N LYS B 19 -29.03 1.95 2.81
CA LYS B 19 -28.32 0.79 3.38
C LYS B 19 -26.90 1.19 3.77
N PRO B 20 -26.54 0.96 5.05
CA PRO B 20 -25.15 1.20 5.51
C PRO B 20 -24.12 0.50 4.63
N ASN B 21 -23.02 1.20 4.40
CA ASN B 21 -21.95 0.77 3.52
C ASN B 21 -20.65 1.38 4.07
N ILE B 22 -19.57 1.24 3.32
CA ILE B 22 -18.29 1.86 3.71
C ILE B 22 -17.75 2.58 2.49
N LEU B 23 -17.33 3.83 2.68
CA LEU B 23 -16.75 4.61 1.57
C LEU B 23 -15.25 4.67 1.76
N ASN B 24 -14.54 4.32 0.69
CA ASN B 24 -13.07 4.27 0.67
C ASN B 24 -12.48 5.45 -0.08
N CYS B 25 -11.37 5.98 0.41
CA CYS B 25 -10.59 7.03 -0.29
C CYS B 25 -9.15 6.56 -0.25
N TYR B 26 -8.69 6.08 -1.41
CA TYR B 26 -7.34 5.53 -1.56
C TYR B 26 -6.45 6.59 -2.19
N VAL B 27 -5.38 6.96 -1.49
CA VAL B 27 -4.52 8.09 -1.90
C VAL B 27 -3.14 7.49 -2.18
N THR B 28 -2.62 7.75 -3.39
CA THR B 28 -1.41 7.07 -3.83
C THR B 28 -0.43 8.01 -4.53
N GLN B 29 0.75 7.50 -4.82
CA GLN B 29 1.70 8.19 -5.71
C GLN B 29 2.17 9.55 -5.20
N PHE B 30 2.24 9.74 -3.88
CA PHE B 30 2.68 11.01 -3.33
C PHE B 30 4.02 10.92 -2.63
N HIS B 31 4.70 12.05 -2.61
N HIS B 31 4.68 12.05 -2.50
CA HIS B 31 5.94 12.24 -1.86
CA HIS B 31 5.96 12.15 -1.80
C HIS B 31 6.07 13.74 -1.63
C HIS B 31 6.18 13.66 -1.66
N PRO B 32 6.50 14.16 -0.43
CA PRO B 32 6.80 13.45 0.83
C PRO B 32 5.60 12.76 1.49
N PRO B 33 5.85 11.95 2.55
CA PRO B 33 4.77 11.15 3.13
C PRO B 33 3.72 11.92 3.94
N HIS B 34 4.10 13.08 4.48
N HIS B 34 4.08 13.10 4.42
CA HIS B 34 3.13 13.89 5.24
CA HIS B 34 3.19 13.94 5.22
C HIS B 34 1.96 14.26 4.33
C HIS B 34 1.98 14.43 4.41
N ILE B 35 0.76 14.13 4.86
CA ILE B 35 -0.46 14.40 4.09
C ILE B 35 -1.63 14.58 5.03
N GLU B 36 -2.61 15.36 4.59
N GLU B 36 -2.66 15.29 4.57
CA GLU B 36 -3.86 15.51 5.32
CA GLU B 36 -3.83 15.54 5.40
C GLU B 36 -4.98 15.03 4.42
C GLU B 36 -5.09 15.23 4.56
N ILE B 37 -5.84 14.19 4.97
CA ILE B 37 -6.96 13.66 4.21
C ILE B 37 -8.25 13.85 5.00
N GLN B 38 -9.25 14.45 4.35
CA GLN B 38 -10.55 14.66 4.96
C GLN B 38 -11.57 13.94 4.10
N MET B 39 -12.58 13.36 4.74
CA MET B 39 -13.72 12.86 3.95
C MET B 39 -14.91 13.73 4.29
N LEU B 40 -15.71 14.06 3.29
CA LEU B 40 -16.72 15.06 3.42
C LEU B 40 -18.08 14.52 3.05
N LYS B 41 -19.08 14.94 3.82
CA LYS B 41 -20.50 14.66 3.53
C LYS B 41 -21.20 16.01 3.37
N ASN B 42 -21.79 16.22 2.20
CA ASN B 42 -22.42 17.52 1.89
C ASN B 42 -21.53 18.71 2.18
N GLY B 43 -20.24 18.53 1.92
CA GLY B 43 -19.21 19.56 2.09
C GLY B 43 -18.65 19.73 3.51
N LYS B 44 -19.18 18.95 4.46
CA LYS B 44 -18.78 19.04 5.87
C LYS B 44 -17.87 17.85 6.20
N LYS B 45 -16.84 18.12 6.98
N LYS B 45 -16.84 18.12 6.98
CA LYS B 45 -15.88 17.09 7.37
CA LYS B 45 -15.88 17.09 7.36
C LYS B 45 -16.61 16.01 8.18
C LYS B 45 -16.55 16.02 8.22
N ILE B 46 -16.32 14.75 7.87
CA ILE B 46 -16.88 13.61 8.60
C ILE B 46 -15.97 13.30 9.76
N PRO B 47 -16.52 13.17 10.98
CA PRO B 47 -15.55 13.07 12.10
C PRO B 47 -14.94 11.67 12.28
N LYS B 48 -15.66 10.61 11.96
CA LYS B 48 -15.11 9.28 12.27
C LYS B 48 -14.53 8.71 11.00
N VAL B 49 -13.30 9.11 10.67
CA VAL B 49 -12.63 8.53 9.51
C VAL B 49 -11.46 7.71 10.00
N GLU B 50 -11.39 6.48 9.55
CA GLU B 50 -10.30 5.59 9.91
C GLU B 50 -9.28 5.58 8.79
N MET B 51 -8.02 5.35 9.14
N MET B 51 -8.04 5.30 9.17
CA MET B 51 -6.99 5.27 8.09
CA MET B 51 -6.96 5.16 8.20
C MET B 51 -6.02 4.17 8.37
C MET B 51 -6.24 3.86 8.47
N SER B 52 -5.65 3.49 7.29
N SER B 52 -5.79 3.20 7.40
CA SER B 52 -4.67 2.42 7.35
CA SER B 52 -4.78 2.15 7.52
C SER B 52 -3.31 2.98 7.72
C SER B 52 -3.42 2.85 7.65
N ASP B 53 -2.38 2.09 8.02
CA ASP B 53 -1.02 2.56 8.17
C ASP B 53 -0.51 2.92 6.78
N MET B 54 0.11 4.09 6.69
N MET B 54 0.10 4.09 6.67
CA MET B 54 0.74 4.53 5.45
CA MET B 54 0.71 4.51 5.42
C MET B 54 1.87 3.54 5.13
C MET B 54 1.88 3.59 5.12
N SER B 55 2.07 3.26 3.85
CA SER B 55 3.22 2.49 3.43
C SER B 55 3.65 3.00 2.06
N PHE B 56 4.54 2.26 1.41
CA PHE B 56 4.95 2.69 0.09
C PHE B 56 5.13 1.55 -0.88
N SER B 57 5.00 1.91 -2.14
CA SER B 57 5.10 0.97 -3.24
C SER B 57 6.53 0.74 -3.72
N LYS B 58 6.70 -0.20 -4.65
CA LYS B 58 8.00 -0.48 -5.20
C LYS B 58 8.69 0.77 -5.77
N ASP B 59 7.92 1.67 -6.39
CA ASP B 59 8.53 2.90 -6.93
C ASP B 59 8.83 3.96 -5.88
N TRP B 60 8.64 3.59 -4.61
CA TRP B 60 8.94 4.45 -3.43
C TRP B 60 7.88 5.47 -3.06
N SER B 61 6.87 5.62 -3.92
CA SER B 61 5.77 6.52 -3.62
C SER B 61 4.87 5.93 -2.54
N PHE B 62 4.30 6.83 -1.76
CA PHE B 62 3.55 6.43 -0.61
C PHE B 62 2.09 6.25 -0.95
N TYR B 63 1.41 5.50 -0.09
CA TYR B 63 -0.05 5.35 -0.22
C TYR B 63 -0.68 5.20 1.14
N ILE B 64 -1.98 5.51 1.21
CA ILE B 64 -2.71 5.29 2.45
C ILE B 64 -4.20 5.16 2.07
N LEU B 65 -4.89 4.32 2.82
CA LEU B 65 -6.35 4.16 2.64
C LEU B 65 -7.10 4.80 3.80
N ALA B 66 -8.00 5.71 3.47
CA ALA B 66 -8.90 6.26 4.47
C ALA B 66 -10.28 5.63 4.21
N HIS B 67 -11.07 5.45 5.24
CA HIS B 67 -12.45 4.91 5.03
C HIS B 67 -13.39 5.34 6.13
N THR B 68 -14.68 5.38 5.79
CA THR B 68 -15.69 5.77 6.76
C THR B 68 -16.99 5.02 6.53
N GLU B 69 -17.73 4.75 7.60
CA GLU B 69 -19.10 4.26 7.44
C GLU B 69 -19.93 5.33 6.75
N PHE B 70 -20.80 4.92 5.84
CA PHE B 70 -21.77 5.86 5.27
C PHE B 70 -23.02 5.14 4.81
N THR B 71 -24.11 5.89 4.75
CA THR B 71 -25.34 5.36 4.22
C THR B 71 -25.74 6.27 3.08
N PRO B 72 -25.53 5.79 1.83
CA PRO B 72 -25.83 6.64 0.68
C PRO B 72 -27.31 6.95 0.62
N THR B 73 -27.65 8.13 0.12
CA THR B 73 -29.06 8.48 -0.16
C THR B 73 -29.11 9.08 -1.54
N GLU B 74 -30.32 9.42 -1.99
CA GLU B 74 -30.47 10.03 -3.31
C GLU B 74 -29.80 11.37 -3.41
N THR B 75 -29.70 12.09 -2.30
CA THR B 75 -29.27 13.49 -2.37
C THR B 75 -27.98 13.86 -1.66
N ASP B 76 -27.43 12.97 -0.83
CA ASP B 76 -26.20 13.33 -0.10
C ASP B 76 -25.02 13.18 -1.05
N THR B 77 -24.09 14.14 -1.02
N THR B 77 -24.05 14.09 -0.94
CA THR B 77 -22.83 13.97 -1.74
CA THR B 77 -22.83 14.08 -1.75
C THR B 77 -21.76 13.54 -0.75
C THR B 77 -21.60 13.84 -0.86
N TYR B 78 -20.72 12.93 -1.27
CA TYR B 78 -19.53 12.54 -0.47
C TYR B 78 -18.29 12.82 -1.30
N ALA B 79 -17.22 13.22 -0.61
CA ALA B 79 -15.95 13.55 -1.30
C ALA B 79 -14.78 13.21 -0.40
N CYS B 80 -13.60 13.22 -1.00
CA CYS B 80 -12.35 13.05 -0.26
C CYS B 80 -11.49 14.23 -0.67
N ARG B 81 -10.92 14.91 0.34
CA ARG B 81 -10.20 16.15 0.10
C ARG B 81 -8.83 15.98 0.72
N VAL B 82 -7.81 16.30 -0.07
CA VAL B 82 -6.44 16.01 0.29
C VAL B 82 -5.57 17.24 0.20
N LYS B 83 -4.78 17.48 1.25
CA LYS B 83 -3.85 18.62 1.28
C LYS B 83 -2.45 18.02 1.31
N HIS B 84 -1.55 18.51 0.47
CA HIS B 84 -0.21 17.90 0.35
C HIS B 84 0.76 18.96 -0.17
N ALA B 85 2.01 18.93 0.28
CA ALA B 85 2.94 20.00 -0.02
C ALA B 85 3.18 20.19 -1.53
N SER B 86 2.88 19.14 -2.31
CA SER B 86 3.08 19.14 -3.77
C SER B 86 2.15 20.09 -4.53
N MET B 87 1.06 20.50 -3.90
CA MET B 87 0.14 21.43 -4.57
C MET B 87 -0.34 22.52 -3.59
N ALA B 88 -0.46 23.74 -4.09
CA ALA B 88 -0.92 24.88 -3.30
C ALA B 88 -2.36 24.71 -2.84
N GLU B 89 -3.18 24.07 -3.67
CA GLU B 89 -4.61 23.93 -3.39
C GLU B 89 -4.95 22.51 -3.01
N PRO B 90 -5.80 22.34 -1.98
CA PRO B 90 -6.27 21.00 -1.71
C PRO B 90 -7.03 20.41 -2.91
N LYS B 91 -6.95 19.09 -3.08
CA LYS B 91 -7.58 18.41 -4.21
C LYS B 91 -8.78 17.66 -3.68
N THR B 92 -9.91 17.83 -4.35
CA THR B 92 -11.15 17.14 -3.96
C THR B 92 -11.62 16.19 -5.06
N VAL B 93 -11.93 14.96 -4.69
CA VAL B 93 -12.55 13.99 -5.58
C VAL B 93 -13.89 13.54 -4.96
N TYR B 94 -14.98 13.71 -5.70
CA TYR B 94 -16.30 13.24 -5.26
C TYR B 94 -16.52 11.78 -5.55
N TRP B 95 -17.24 11.11 -4.65
CA TRP B 95 -17.79 9.78 -4.93
C TRP B 95 -18.84 9.95 -6.02
N ASP B 96 -18.79 9.07 -7.01
CA ASP B 96 -19.80 9.08 -8.03
C ASP B 96 -20.10 7.61 -8.23
N ARG B 97 -21.25 7.18 -7.70
CA ARG B 97 -21.60 5.76 -7.73
C ARG B 97 -21.74 5.19 -9.16
N ASP B 98 -21.98 6.05 -10.13
CA ASP B 98 -22.10 5.61 -11.51
C ASP B 98 -20.75 5.37 -12.23
N MET B 99 -19.68 5.94 -11.67
CA MET B 99 -18.34 5.83 -12.26
C MET B 99 -17.55 4.65 -11.69
C1 NAG C . 25.55 -13.80 3.02
C2 NAG C . 26.97 -14.26 3.41
C3 NAG C . 28.00 -13.58 2.51
C4 NAG C . 27.72 -13.80 1.00
C5 NAG C . 26.23 -13.50 0.73
C6 NAG C . 25.84 -14.03 -0.66
C7 NAG C . 27.00 -14.86 5.82
C8 NAG C . 27.40 -14.40 7.20
N2 NAG C . 27.25 -14.01 4.83
O3 NAG C . 29.28 -14.04 2.86
O4 NAG C . 28.45 -12.91 0.19
O5 NAG C . 25.37 -14.13 1.66
O6 NAG C . 24.68 -13.35 -1.09
O7 NAG C . 26.50 -15.98 5.68
C1 NAG C . 29.54 -13.50 -0.55
C2 NAG C . 29.91 -12.67 -1.79
C3 NAG C . 31.14 -13.25 -2.53
C4 NAG C . 32.31 -13.42 -1.55
C5 NAG C . 31.81 -14.23 -0.35
C6 NAG C . 32.85 -14.41 0.77
C7 NAG C . 28.39 -11.29 -3.06
C8 NAG C . 27.22 -11.22 -3.99
N2 NAG C . 28.79 -12.50 -2.68
O3 NAG C . 31.52 -12.37 -3.56
O4 NAG C . 33.45 -13.98 -2.19
O5 NAG C . 30.71 -13.54 0.23
O6 NAG C . 32.30 -13.80 1.93
O7 NAG C . 28.91 -10.23 -2.70
C1 NAG D . 11.12 21.64 13.17
C2 NAG D . 10.60 23.09 13.22
C3 NAG D . 9.32 23.18 14.06
C4 NAG D . 8.28 22.19 13.55
C5 NAG D . 8.88 20.79 13.33
C6 NAG D . 7.91 19.85 12.60
C7 NAG D . 12.35 24.24 14.65
C8 NAG D . 13.30 25.40 14.67
N2 NAG D . 11.61 24.11 13.53
O3 NAG D . 8.77 24.48 14.01
O4 NAG D . 7.18 22.18 14.45
O5 NAG D . 10.11 20.84 12.59
O6 NAG D . 7.71 20.33 11.28
O7 NAG D . 12.29 23.47 15.61
C1 NAG E . 9.69 9.77 17.54
C2 NAG E . 9.32 11.15 18.07
C3 NAG E . 10.48 11.77 18.86
C4 NAG E . 11.06 10.80 19.89
C5 NAG E . 11.37 9.47 19.20
C6 NAG E . 11.85 8.40 20.18
C7 NAG E . 7.78 12.56 16.92
C8 NAG E . 7.53 13.47 15.75
N2 NAG E . 8.98 12.03 16.99
O3 NAG E . 9.98 12.94 19.47
O4 NAG E . 12.26 11.31 20.43
O5 NAG E . 10.17 8.99 18.61
O6 NAG E . 10.97 8.37 21.28
O7 NAG E . 6.90 12.35 17.76
C1 3TF F . 25.36 1.25 16.53
O1 3TF F . 25.32 1.40 15.08
C2 3TF F . 26.26 2.38 17.11
O2 3TF F . 26.04 3.61 16.42
C3 3TF F . 27.75 2.00 17.01
O3 3TF F . 28.54 3.02 17.64
C4 3TF F . 28.00 0.63 17.68
O4 3TF F . 29.40 0.32 17.66
C5 3TF F . 27.16 -0.46 16.98
O5 3TF F . 25.72 -0.10 17.00
C6 3TF F . 27.35 -1.88 17.57
O6 3TF F . 27.21 -2.87 16.54
C7 3TF F . 24.84 0.25 14.35
O7 3TF F . 23.59 1.24 11.74
C8 3TF F . 23.36 0.30 14.02
O8 3TF F . 22.84 -0.95 13.46
C9 3TF F . 23.12 1.48 13.08
O9 3TF F . 22.90 -1.99 15.50
C10 3TF F . 22.98 2.05 10.81
O10 3TF F . 22.97 3.28 10.95
C11 3TF F . 22.35 1.42 9.56
C12 3TF F . 22.41 2.38 8.37
C13 3TF F . 21.52 1.89 7.22
C14 3TF F . 21.13 3.05 6.29
C15 3TF F . 22.34 3.62 5.56
C16 3TF F . 21.98 3.97 4.11
C17 3TF F . 22.67 5.26 3.67
C18 3TF F . 21.82 6.49 4.02
C19 3TF F . 21.53 7.32 2.77
C20 3TF F . 20.83 8.62 3.11
C21 3TF F . 21.79 9.64 3.75
C22 3TF F . 21.04 10.90 4.21
C23 3TF F . 21.99 12.01 4.68
C24 3TF F . 21.33 13.40 4.56
C25 3TF F . 22.36 14.50 4.30
C26 3TF F . 22.76 -2.07 14.28
C27 3TF F . 22.49 -3.43 13.63
C28 3TF F . 21.08 -3.50 13.01
C29 3TF F . 21.11 -3.12 11.52
C30 3TF F . 19.69 -3.19 10.92
C31 3TF F . 19.62 -2.81 9.43
C32 3TF F . 18.23 -3.12 8.82
C33 3TF F . 18.16 -4.56 8.28
C34 3TF F . 16.71 -5.10 8.12
C35 3TF F . 16.70 -6.64 7.90
C36 3TF F . 15.62 -7.10 7.14
C37 3TF F . 14.86 -8.25 7.43
C38 3TF F . 15.02 -9.05 8.57
C39 3TF F . 13.80 -9.97 8.81
C40 3TF F . 13.28 -9.92 10.27
C41 3TF F . 11.78 -9.54 10.32
C42 3TF F . 11.32 -8.92 11.67
C43 3TF F . 10.06 -8.05 11.51
C1 GOL G . -4.05 -4.64 1.04
O1 GOL G . -2.66 -4.84 0.96
C2 GOL G . -4.67 -5.99 1.36
O2 GOL G . -4.81 -6.09 2.77
C3 GOL G . -5.97 -6.11 0.58
O3 GOL G . -6.84 -5.13 1.12
C1 GOL H . 13.99 1.07 -6.81
O1 GOL H . 14.29 2.25 -7.51
C2 GOL H . 15.13 0.09 -6.67
O2 GOL H . 14.95 -0.55 -5.43
C3 GOL H . 15.15 -0.90 -7.84
O3 GOL H . 15.51 -2.21 -7.40
C1 GOL I . 33.96 14.36 -4.13
O1 GOL I . 35.20 15.02 -3.90
C2 GOL I . 32.79 15.34 -4.11
O2 GOL I . 33.12 16.57 -3.49
C3 GOL I . 31.59 14.68 -3.42
O3 GOL I . 31.45 15.18 -2.11
C1 GOL J . -7.96 -16.55 -10.33
O1 GOL J . -8.86 -16.21 -9.28
C2 GOL J . -8.37 -15.94 -11.68
O2 GOL J . -9.33 -16.79 -12.29
C3 GOL J . -7.14 -15.86 -12.58
O3 GOL J . -7.24 -14.82 -13.54
C1 GOL K . -23.72 -14.36 -10.73
O1 GOL K . -24.01 -14.94 -11.97
C2 GOL K . -24.62 -13.21 -10.29
O2 GOL K . -24.18 -12.80 -9.00
C3 GOL K . -26.09 -13.62 -10.26
O3 GOL K . -26.79 -12.84 -9.31
#